data_2PRE
#
_entry.id   2PRE
#
_cell.length_a   43.370
_cell.length_b   81.460
_cell.length_c   131.950
_cell.angle_alpha   90.00
_cell.angle_beta   90.00
_cell.angle_gamma   90.00
#
_symmetry.space_group_name_H-M   'P 21 21 21'
#
loop_
_entity.id
_entity.type
_entity.pdbx_description
1 polymer Ervatamin-C
2 non-polymer 'SULFATE ION'
3 non-polymer N-[N-[1-HYDROXYCARBOXYETHYL-CARBONYL]LEUCYLAMINO-BUTYL]-GUANIDINE
4 water water
#
_entity_poly.entity_id   1
_entity_poly.type   'polypeptide(L)'
_entity_poly.pdbx_seq_one_letter_code
;LPEQIDWRKKGAVTPVKNQGKCGSCWAFSTVSTVESINQIRTGNLISLSEQQLVDCNKKNHGCKGGAFVYAYQYIIDNGG
IDTEANYPYKAVQGPCRAAKKVVRIDGYKGVPHCNENALKKAVASQPSVVAIDASSKQFQHYKSGIFSGPCGTKLNHGVV
IVGYWKDYWIVRNSWGRYWGEQGYIRMKRVGGCGLCGIARLPYYPTKA
;
_entity_poly.pdbx_strand_id   A,B
#
loop_
_chem_comp.id
_chem_comp.type
_chem_comp.name
_chem_comp.formula
E64 non-polymer N-[N-[1-HYDROXYCARBOXYETHYL-CARBONYL]LEUCYLAMINO-BUTYL]-GUANIDINE 'C15 H30 N5 O5 1'
SO4 non-polymer 'SULFATE ION' 'O4 S -2'
#
# COMPACT_ATOMS: atom_id res chain seq x y z
N LEU A 1 23.98 2.14 -13.90
CA LEU A 1 22.79 1.77 -13.06
C LEU A 1 21.71 1.20 -13.97
N PRO A 2 20.64 0.65 -13.38
CA PRO A 2 19.52 0.07 -14.14
C PRO A 2 18.95 1.03 -15.18
N GLU A 3 18.57 0.52 -16.34
CA GLU A 3 18.01 1.38 -17.37
C GLU A 3 16.66 1.89 -16.89
N GLN A 4 15.97 1.04 -16.14
CA GLN A 4 14.65 1.37 -15.65
C GLN A 4 14.44 0.83 -14.24
N ILE A 5 13.62 1.52 -13.47
CA ILE A 5 13.31 1.10 -12.12
C ILE A 5 11.95 1.69 -11.79
N ASP A 6 11.19 0.99 -10.96
CA ASP A 6 9.87 1.43 -10.55
C ASP A 6 9.66 0.88 -9.15
N TRP A 7 9.78 1.73 -8.14
CA TRP A 7 9.61 1.25 -6.78
C TRP A 7 8.23 0.68 -6.49
N ARG A 8 7.25 1.03 -7.33
CA ARG A 8 5.91 0.50 -7.13
C ARG A 8 6.01 -0.99 -7.41
N LYS A 9 6.80 -1.34 -8.43
CA LYS A 9 6.97 -2.73 -8.82
C LYS A 9 7.74 -3.51 -7.75
N LYS A 10 8.39 -2.79 -6.83
CA LYS A 10 9.14 -3.46 -5.76
C LYS A 10 8.45 -3.37 -4.41
N GLY A 11 7.18 -2.98 -4.41
CA GLY A 11 6.43 -2.89 -3.17
C GLY A 11 6.97 -1.87 -2.17
N ALA A 12 7.53 -0.77 -2.68
CA ALA A 12 8.07 0.26 -1.81
C ALA A 12 7.12 1.45 -1.72
N VAL A 13 6.12 1.48 -2.60
CA VAL A 13 5.18 2.60 -2.63
C VAL A 13 3.75 2.29 -2.26
N THR A 14 3.20 3.07 -1.31
CA THR A 14 1.82 2.89 -0.87
C THR A 14 0.85 3.44 -1.91
N PRO A 15 -0.42 3.03 -1.84
CA PRO A 15 -1.45 3.49 -2.77
C PRO A 15 -1.50 5.01 -2.84
N VAL A 16 -1.87 5.54 -4.00
CA VAL A 16 -1.95 6.98 -4.21
C VAL A 16 -2.87 7.65 -3.19
N LYS A 17 -2.53 8.87 -2.79
CA LYS A 17 -3.32 9.62 -1.81
C LYS A 17 -3.84 10.94 -2.38
N ASN A 18 -4.79 11.54 -1.68
CA ASN A 18 -5.35 12.82 -2.11
C ASN A 18 -5.26 13.91 -1.04
N GLN A 19 -4.38 14.88 -1.27
CA GLN A 19 -4.16 15.98 -0.34
C GLN A 19 -5.37 16.91 -0.30
N GLY A 20 -6.35 16.63 -1.16
CA GLY A 20 -7.54 17.45 -1.19
C GLY A 20 -7.29 18.94 -1.35
N LYS A 21 -8.21 19.75 -0.86
CA LYS A 21 -8.11 21.20 -0.98
C LYS A 21 -7.28 21.88 0.10
N CYS A 22 -6.03 21.47 0.23
CA CYS A 22 -5.15 22.02 1.25
C CYS A 22 -3.72 22.04 0.71
N GLY A 23 -3.04 23.19 0.83
CA GLY A 23 -1.68 23.30 0.31
C GLY A 23 -0.64 22.52 1.09
N SER A 24 -0.76 21.20 1.10
CA SER A 24 0.17 20.37 1.85
C SER A 24 1.07 19.44 1.05
N CYS A 25 1.28 19.73 -0.23
CA CYS A 25 2.12 18.86 -1.05
C CYS A 25 3.49 18.59 -0.40
N TRP A 26 3.97 19.52 0.41
CA TRP A 26 5.26 19.36 1.07
C TRP A 26 5.21 18.19 2.04
N ALA A 27 4.02 17.93 2.57
CA ALA A 27 3.82 16.86 3.52
C ALA A 27 3.68 15.51 2.82
N PHE A 28 2.78 15.46 1.85
CA PHE A 28 2.54 14.22 1.10
C PHE A 28 3.76 13.65 0.41
N SER A 29 4.54 14.50 -0.25
CA SER A 29 5.71 14.04 -0.97
C SER A 29 6.74 13.57 0.03
N THR A 30 6.96 14.40 1.05
CA THR A 30 7.91 14.09 2.11
C THR A 30 7.58 12.76 2.78
N VAL A 31 6.35 12.66 3.28
CA VAL A 31 5.93 11.43 3.96
C VAL A 31 6.07 10.19 3.08
N SER A 32 5.80 10.33 1.79
CA SER A 32 5.90 9.20 0.88
C SER A 32 7.32 8.66 0.78
N THR A 33 8.30 9.54 0.70
CA THR A 33 9.69 9.10 0.61
C THR A 33 10.08 8.44 1.93
N VAL A 34 9.46 8.87 3.01
CA VAL A 34 9.76 8.26 4.30
C VAL A 34 9.19 6.85 4.31
N GLU A 35 7.92 6.73 3.90
CA GLU A 35 7.27 5.43 3.85
C GLU A 35 8.11 4.50 2.99
N SER A 36 8.69 5.06 1.93
CA SER A 36 9.51 4.27 1.00
C SER A 36 10.83 3.78 1.56
N ILE A 37 11.67 4.70 2.04
CA ILE A 37 12.96 4.29 2.58
C ILE A 37 12.72 3.28 3.70
N ASN A 38 11.66 3.47 4.47
CA ASN A 38 11.37 2.56 5.58
C ASN A 38 11.10 1.14 5.09
N GLN A 39 10.36 1.02 3.98
CA GLN A 39 10.04 -0.31 3.44
C GLN A 39 11.27 -0.95 2.83
N ILE A 40 12.07 -0.14 2.15
CA ILE A 40 13.29 -0.60 1.51
C ILE A 40 14.27 -1.16 2.55
N ARG A 41 14.26 -0.55 3.73
CA ARG A 41 15.16 -0.94 4.81
C ARG A 41 14.61 -2.01 5.74
N THR A 42 13.34 -1.91 6.11
CA THR A 42 12.78 -2.88 7.06
C THR A 42 11.89 -3.97 6.47
N GLY A 43 11.54 -3.82 5.18
CA GLY A 43 10.68 -4.82 4.55
C GLY A 43 9.21 -4.55 4.85
N ASN A 44 8.95 -3.57 5.70
CA ASN A 44 7.58 -3.22 6.07
C ASN A 44 7.05 -2.03 5.27
N LEU A 45 5.85 -2.19 4.74
CA LEU A 45 5.20 -1.12 3.99
C LEU A 45 4.15 -0.57 4.93
N ILE A 46 4.35 0.67 5.36
CA ILE A 46 3.44 1.31 6.30
C ILE A 46 3.03 2.68 5.82
N SER A 47 1.74 2.99 5.92
CA SER A 47 1.25 4.28 5.49
C SER A 47 1.38 5.27 6.63
N LEU A 48 2.18 6.31 6.42
CA LEU A 48 2.41 7.31 7.45
C LEU A 48 1.48 8.53 7.41
N SER A 49 1.52 9.33 8.48
CA SER A 49 0.65 10.49 8.63
C SER A 49 1.15 11.87 8.17
N GLU A 50 0.49 12.41 7.15
CA GLU A 50 0.80 13.73 6.63
C GLU A 50 0.28 14.75 7.66
N GLN A 51 -0.94 14.51 8.14
CA GLN A 51 -1.60 15.37 9.12
C GLN A 51 -0.71 15.72 10.30
N GLN A 52 0.01 14.73 10.82
CA GLN A 52 0.88 15.01 11.95
C GLN A 52 1.72 16.23 11.54
N LEU A 53 2.53 16.07 10.51
CA LEU A 53 3.38 17.16 10.01
C LEU A 53 2.61 18.47 9.90
N VAL A 54 1.48 18.43 9.22
CA VAL A 54 0.65 19.63 9.07
C VAL A 54 0.42 20.30 10.41
N ASP A 55 0.00 19.52 11.41
CA ASP A 55 -0.29 20.04 12.74
C ASP A 55 0.91 20.36 13.65
N CYS A 56 1.91 19.50 13.63
CA CYS A 56 3.06 19.65 14.53
C CYS A 56 4.35 20.17 13.92
N ASN A 57 4.30 20.91 12.83
CA ASN A 57 5.54 21.35 12.19
C ASN A 57 5.71 22.85 11.98
N LYS A 58 5.74 23.61 13.09
CA LYS A 58 5.86 25.07 13.07
C LYS A 58 6.67 25.67 11.94
N LYS A 59 7.81 25.05 11.64
CA LYS A 59 8.66 25.56 10.57
C LYS A 59 7.95 25.63 9.22
N ASN A 60 6.98 24.76 8.99
CA ASN A 60 6.23 24.81 7.74
C ASN A 60 4.90 25.50 7.99
N HIS A 61 4.03 25.60 6.99
CA HIS A 61 2.79 26.33 7.24
C HIS A 61 1.45 25.65 6.95
N GLY A 62 1.27 24.47 7.54
CA GLY A 62 0.04 23.73 7.37
C GLY A 62 -0.47 23.74 5.95
N CYS A 63 -1.73 24.09 5.77
CA CYS A 63 -2.31 24.12 4.44
C CYS A 63 -1.80 25.27 3.58
N LYS A 64 -1.02 26.16 4.19
CA LYS A 64 -0.47 27.30 3.47
C LYS A 64 0.95 27.11 2.92
N GLY A 65 1.36 25.86 2.71
CA GLY A 65 2.68 25.60 2.17
C GLY A 65 3.76 25.12 3.12
N GLY A 66 4.88 24.67 2.55
CA GLY A 66 5.99 24.18 3.37
C GLY A 66 7.26 23.89 2.57
N ALA A 67 8.26 23.32 3.24
CA ALA A 67 9.53 22.99 2.57
C ALA A 67 10.08 21.63 2.97
N PHE A 68 10.76 20.99 2.03
CA PHE A 68 11.36 19.66 2.21
C PHE A 68 12.27 19.54 3.42
N VAL A 69 13.27 20.41 3.48
CA VAL A 69 14.23 20.40 4.58
C VAL A 69 13.57 20.37 5.95
N TYR A 70 12.69 21.32 6.22
CA TYR A 70 12.07 21.34 7.53
C TYR A 70 11.27 20.08 7.82
N ALA A 71 10.40 19.66 6.89
CA ALA A 71 9.63 18.44 7.11
C ALA A 71 10.55 17.32 7.61
N TYR A 72 11.53 16.96 6.80
CA TYR A 72 12.48 15.92 7.17
C TYR A 72 13.05 16.17 8.57
N GLN A 73 13.61 17.37 8.75
CA GLN A 73 14.21 17.77 10.01
C GLN A 73 13.26 17.56 11.18
N TYR A 74 11.97 17.79 10.95
CA TYR A 74 10.98 17.61 11.99
C TYR A 74 10.95 16.13 12.36
N ILE A 75 10.50 15.32 11.41
CA ILE A 75 10.41 13.87 11.59
C ILE A 75 11.61 13.33 12.35
N ILE A 76 12.79 13.86 12.02
CA ILE A 76 14.03 13.45 12.68
C ILE A 76 14.04 13.93 14.12
N ASP A 77 13.87 15.24 14.29
CA ASP A 77 13.86 15.86 15.61
C ASP A 77 12.82 15.23 16.51
N ASN A 78 11.61 15.08 15.98
CA ASN A 78 10.51 14.51 16.74
C ASN A 78 10.72 13.05 17.12
N GLY A 79 11.76 12.43 16.55
CA GLY A 79 12.06 11.03 16.85
C GLY A 79 11.23 9.99 16.10
N GLY A 80 10.41 10.42 15.15
CA GLY A 80 9.61 9.48 14.39
C GLY A 80 8.29 10.06 13.92
N ILE A 81 7.59 9.32 13.08
CA ILE A 81 6.30 9.79 12.55
C ILE A 81 5.23 8.70 12.76
N ASP A 82 3.97 9.11 12.93
CA ASP A 82 2.88 8.15 13.18
C ASP A 82 2.20 7.68 11.89
N THR A 83 1.42 6.61 12.00
CA THR A 83 0.71 6.05 10.84
C THR A 83 -0.51 6.86 10.43
N GLU A 84 -0.92 6.65 9.18
CA GLU A 84 -2.08 7.30 8.57
C GLU A 84 -3.35 6.95 9.35
N ALA A 85 -3.34 5.77 9.96
CA ALA A 85 -4.49 5.30 10.71
C ALA A 85 -4.70 5.99 12.08
N ASN A 86 -3.66 6.11 12.90
CA ASN A 86 -3.79 6.75 14.21
C ASN A 86 -3.92 8.26 14.16
N TYR A 87 -3.45 8.86 13.08
CA TYR A 87 -3.48 10.32 12.93
C TYR A 87 -3.96 10.61 11.51
N PRO A 88 -5.22 10.25 11.20
CA PRO A 88 -5.76 10.48 9.87
C PRO A 88 -5.64 11.90 9.32
N TYR A 89 -5.68 12.00 7.99
CA TYR A 89 -5.58 13.28 7.27
C TYR A 89 -6.96 13.94 7.23
N LYS A 90 -6.99 15.26 7.40
CA LYS A 90 -8.25 16.01 7.44
C LYS A 90 -8.36 17.14 6.41
N ALA A 91 -7.28 17.41 5.69
CA ALA A 91 -7.28 18.47 4.67
C ALA A 91 -7.52 19.85 5.28
N VAL A 92 -7.25 19.96 6.58
CA VAL A 92 -7.41 21.21 7.29
C VAL A 92 -6.55 21.10 8.54
N GLN A 93 -5.73 22.13 8.79
CA GLN A 93 -4.83 22.12 9.93
C GLN A 93 -5.49 22.14 11.31
N GLY A 94 -4.79 21.57 12.29
CA GLY A 94 -5.28 21.52 13.66
C GLY A 94 -4.19 21.46 14.71
N PRO A 95 -4.55 21.50 16.00
CA PRO A 95 -3.58 21.45 17.09
C PRO A 95 -2.80 20.14 17.06
N CYS A 96 -1.53 20.21 17.39
CA CYS A 96 -0.69 19.03 17.38
C CYS A 96 -1.13 18.04 18.46
N ARG A 97 -1.61 16.88 18.02
CA ARG A 97 -2.01 15.82 18.93
C ARG A 97 -0.72 15.10 19.27
N ALA A 98 -0.76 14.22 20.26
CA ALA A 98 0.43 13.46 20.63
C ALA A 98 0.45 12.29 19.65
N ALA A 99 1.62 11.81 19.27
CA ALA A 99 1.66 10.72 18.30
C ALA A 99 2.64 9.59 18.56
N LYS A 100 2.30 8.40 18.06
CA LYS A 100 3.16 7.25 18.25
C LYS A 100 4.30 7.31 17.25
N LYS A 101 5.51 7.02 17.71
CA LYS A 101 6.68 7.05 16.84
C LYS A 101 6.85 5.71 16.12
N VAL A 102 6.04 5.47 15.10
CA VAL A 102 6.10 4.21 14.38
C VAL A 102 7.34 4.08 13.49
N VAL A 103 7.59 5.11 12.68
CA VAL A 103 8.74 5.11 11.76
C VAL A 103 9.70 6.29 12.00
N ARG A 104 11.00 6.00 11.98
CA ARG A 104 12.05 7.00 12.19
C ARG A 104 13.09 7.05 11.05
N ILE A 105 13.76 8.19 10.90
CA ILE A 105 14.79 8.36 9.88
C ILE A 105 16.05 9.03 10.47
N ASP A 106 17.21 8.76 9.88
CA ASP A 106 18.46 9.31 10.40
C ASP A 106 18.88 10.66 9.83
N GLY A 107 18.48 10.94 8.59
CA GLY A 107 18.85 12.19 7.97
C GLY A 107 18.22 12.34 6.60
N TYR A 108 18.69 13.33 5.83
CA TYR A 108 18.19 13.58 4.49
C TYR A 108 19.34 14.20 3.70
N LYS A 109 19.35 14.01 2.40
CA LYS A 109 20.41 14.60 1.61
C LYS A 109 19.87 15.28 0.38
N GLY A 110 20.56 16.33 -0.04
CA GLY A 110 20.11 17.03 -1.22
C GLY A 110 20.79 16.45 -2.45
N VAL A 111 20.07 16.43 -3.56
CA VAL A 111 20.65 15.95 -4.79
C VAL A 111 21.14 17.20 -5.50
N PRO A 112 22.33 17.14 -6.11
CA PRO A 112 22.88 18.28 -6.82
C PRO A 112 21.88 18.86 -7.82
N HIS A 113 21.69 20.18 -7.74
CA HIS A 113 20.78 20.91 -8.61
C HIS A 113 20.95 20.71 -10.10
N CYS A 114 19.83 20.67 -10.81
CA CYS A 114 19.80 20.52 -12.26
C CYS A 114 20.88 19.61 -12.81
N ASN A 115 20.89 18.39 -12.31
CA ASN A 115 21.84 17.36 -12.74
C ASN A 115 20.99 16.08 -12.76
N GLU A 116 20.38 15.80 -13.89
CA GLU A 116 19.54 14.63 -13.96
C GLU A 116 20.24 13.28 -13.79
N ASN A 117 21.57 13.23 -13.99
CA ASN A 117 22.29 11.98 -13.80
C ASN A 117 22.28 11.67 -12.31
N ALA A 118 22.68 12.66 -11.51
CA ALA A 118 22.71 12.52 -10.07
C ALA A 118 21.35 12.07 -9.56
N LEU A 119 20.30 12.67 -10.11
CA LEU A 119 18.94 12.35 -9.72
C LEU A 119 18.60 10.91 -10.08
N LYS A 120 19.08 10.45 -11.22
CA LYS A 120 18.83 9.07 -11.65
C LYS A 120 19.51 8.15 -10.63
N LYS A 121 20.72 8.53 -10.23
CA LYS A 121 21.48 7.74 -9.26
C LYS A 121 20.71 7.66 -7.94
N ALA A 122 20.10 8.77 -7.54
CA ALA A 122 19.34 8.85 -6.30
C ALA A 122 18.07 8.02 -6.38
N VAL A 123 17.26 8.25 -7.41
CA VAL A 123 16.03 7.51 -7.57
C VAL A 123 16.33 6.01 -7.61
N ALA A 124 17.45 5.63 -8.22
CA ALA A 124 17.83 4.21 -8.29
C ALA A 124 18.03 3.64 -6.88
N SER A 125 18.39 4.50 -5.93
CA SER A 125 18.57 4.08 -4.55
C SER A 125 17.24 4.06 -3.83
N GLN A 126 16.47 5.14 -3.97
CA GLN A 126 15.17 5.23 -3.33
C GLN A 126 14.38 6.42 -3.84
N PRO A 127 13.03 6.36 -3.77
CA PRO A 127 12.21 7.46 -4.24
C PRO A 127 12.67 8.80 -3.67
N SER A 128 12.52 9.87 -4.44
CA SER A 128 12.95 11.20 -4.01
C SER A 128 11.90 12.29 -4.22
N VAL A 129 11.99 13.34 -3.41
CA VAL A 129 11.06 14.45 -3.54
C VAL A 129 11.64 15.46 -4.51
N VAL A 130 10.76 16.16 -5.22
CA VAL A 130 11.18 17.15 -6.18
C VAL A 130 10.13 18.24 -6.28
N ALA A 131 10.57 19.42 -6.72
CA ALA A 131 9.70 20.57 -6.88
C ALA A 131 9.52 20.83 -8.36
N ILE A 132 8.27 21.00 -8.77
CA ILE A 132 7.95 21.29 -10.16
C ILE A 132 6.99 22.47 -10.30
N ASP A 133 6.98 23.07 -11.47
CA ASP A 133 6.08 24.17 -11.77
C ASP A 133 4.81 23.42 -12.20
N ALA A 134 3.80 23.36 -11.33
CA ALA A 134 2.57 22.65 -11.68
C ALA A 134 1.46 23.63 -12.01
N SER A 135 1.84 24.85 -12.37
CA SER A 135 0.86 25.90 -12.68
C SER A 135 0.24 25.93 -14.07
N SER A 136 0.85 25.29 -15.07
CA SER A 136 0.28 25.33 -16.41
C SER A 136 -1.02 24.53 -16.44
N LYS A 137 -1.93 24.90 -17.33
CA LYS A 137 -3.21 24.18 -17.44
C LYS A 137 -2.99 22.78 -18.03
N GLN A 138 -2.10 22.68 -19.01
CA GLN A 138 -1.81 21.40 -19.65
C GLN A 138 -1.39 20.38 -18.59
N PHE A 139 -0.51 20.79 -17.68
CA PHE A 139 -0.07 19.89 -16.63
C PHE A 139 -1.27 19.55 -15.75
N GLN A 140 -1.96 20.58 -15.26
CA GLN A 140 -3.11 20.34 -14.39
C GLN A 140 -4.18 19.46 -15.01
N HIS A 141 -4.29 19.49 -16.33
CA HIS A 141 -5.29 18.66 -16.98
C HIS A 141 -4.64 17.44 -17.62
N TYR A 142 -3.38 17.18 -17.27
CA TYR A 142 -2.65 16.02 -17.78
C TYR A 142 -3.46 14.76 -17.49
N LYS A 143 -3.66 13.93 -18.52
CA LYS A 143 -4.43 12.72 -18.30
C LYS A 143 -3.62 11.45 -18.60
N SER A 144 -2.70 11.52 -19.56
CA SER A 144 -1.90 10.34 -19.90
C SER A 144 -0.78 10.65 -20.87
N GLY A 145 0.12 9.67 -21.03
CA GLY A 145 1.24 9.83 -21.94
C GLY A 145 2.46 10.47 -21.33
N ILE A 146 3.55 10.53 -22.10
CA ILE A 146 4.78 11.12 -21.63
C ILE A 146 4.70 12.64 -21.73
N PHE A 147 4.31 13.27 -20.64
CA PHE A 147 4.20 14.71 -20.61
C PHE A 147 5.54 15.34 -20.98
N SER A 148 5.52 16.28 -21.92
CA SER A 148 6.75 16.94 -22.35
C SER A 148 6.61 18.45 -22.30
N GLY A 149 5.70 18.94 -21.48
CA GLY A 149 5.49 20.37 -21.37
C GLY A 149 4.19 20.78 -22.03
N PRO A 150 3.88 22.08 -22.07
CA PRO A 150 4.68 23.19 -21.54
C PRO A 150 4.50 23.41 -20.05
N CYS A 151 5.51 24.02 -19.44
CA CYS A 151 5.50 24.34 -18.01
C CYS A 151 6.79 25.07 -17.74
N GLY A 152 6.73 26.10 -16.91
CA GLY A 152 7.93 26.86 -16.62
C GLY A 152 8.79 26.16 -15.61
N THR A 153 9.67 26.90 -14.96
CA THR A 153 10.54 26.33 -13.95
C THR A 153 10.31 27.00 -12.59
N LYS A 154 9.12 27.59 -12.43
CA LYS A 154 8.74 28.26 -11.18
C LYS A 154 8.31 27.16 -10.20
N LEU A 155 9.07 26.98 -9.14
CA LEU A 155 8.77 25.94 -8.15
C LEU A 155 7.58 26.26 -7.25
N ASN A 156 6.52 25.46 -7.37
CA ASN A 156 5.33 25.65 -6.55
C ASN A 156 4.58 24.39 -6.13
N HIS A 157 4.98 23.21 -6.63
CA HIS A 157 4.32 21.97 -6.24
C HIS A 157 5.34 20.89 -5.91
N GLY A 158 5.08 20.14 -4.85
CA GLY A 158 6.01 19.09 -4.44
C GLY A 158 5.50 17.69 -4.73
N VAL A 159 6.30 16.90 -5.44
CA VAL A 159 5.93 15.54 -5.76
C VAL A 159 7.08 14.58 -5.50
N VAL A 160 6.90 13.32 -5.88
CA VAL A 160 7.90 12.30 -5.67
C VAL A 160 8.24 11.54 -6.94
N ILE A 161 9.53 11.27 -7.15
CA ILE A 161 9.94 10.49 -8.32
C ILE A 161 10.17 9.06 -7.83
N VAL A 162 9.28 8.15 -8.22
CA VAL A 162 9.34 6.76 -7.78
C VAL A 162 10.04 5.80 -8.74
N GLY A 163 10.57 6.31 -9.84
CA GLY A 163 11.24 5.45 -10.79
C GLY A 163 11.49 6.17 -12.10
N TYR A 164 12.12 5.48 -13.04
CA TYR A 164 12.42 6.12 -14.31
C TYR A 164 12.61 5.11 -15.41
N TRP A 165 12.56 5.61 -16.64
CA TRP A 165 12.79 4.81 -17.83
C TRP A 165 13.74 5.66 -18.64
N LYS A 166 14.28 5.14 -19.74
CA LYS A 166 15.24 5.89 -20.53
C LYS A 166 14.94 7.37 -20.77
N ASP A 167 13.68 7.71 -21.06
CA ASP A 167 13.34 9.10 -21.35
C ASP A 167 12.29 9.77 -20.48
N TYR A 168 12.02 9.22 -19.30
CA TYR A 168 11.03 9.87 -18.45
C TYR A 168 11.12 9.46 -17.00
N TRP A 169 10.61 10.33 -16.14
CA TRP A 169 10.58 10.09 -14.71
C TRP A 169 9.17 9.63 -14.38
N ILE A 170 9.06 8.68 -13.46
CA ILE A 170 7.76 8.19 -13.04
C ILE A 170 7.46 8.99 -11.77
N VAL A 171 6.57 9.96 -11.90
CA VAL A 171 6.20 10.85 -10.79
C VAL A 171 4.89 10.51 -10.09
N ARG A 172 4.90 10.61 -8.77
CA ARG A 172 3.73 10.34 -7.95
C ARG A 172 3.19 11.67 -7.47
N ASN A 173 1.93 11.94 -7.78
CA ASN A 173 1.31 13.19 -7.36
C ASN A 173 0.38 12.84 -6.19
N SER A 174 -0.07 13.87 -5.48
CA SER A 174 -0.96 13.66 -4.34
C SER A 174 -2.33 14.26 -4.60
N TRP A 175 -2.87 13.99 -5.79
CA TRP A 175 -4.20 14.49 -6.15
C TRP A 175 -5.19 13.36 -6.43
N GLY A 176 -4.97 12.19 -5.85
CA GLY A 176 -5.90 11.10 -6.08
C GLY A 176 -5.62 10.34 -7.36
N ARG A 177 -6.43 9.30 -7.61
CA ARG A 177 -6.26 8.45 -8.78
C ARG A 177 -6.92 8.94 -10.05
N TYR A 178 -7.80 9.93 -9.94
CA TYR A 178 -8.50 10.43 -11.12
C TYR A 178 -7.77 11.53 -11.86
N TRP A 179 -6.48 11.65 -11.57
CA TRP A 179 -5.66 12.62 -12.25
C TRP A 179 -4.56 11.82 -12.92
N GLY A 180 -4.18 12.23 -14.12
CA GLY A 180 -3.13 11.51 -14.82
C GLY A 180 -3.36 10.01 -14.94
N GLU A 181 -2.27 9.25 -14.85
CA GLU A 181 -2.35 7.81 -14.99
C GLU A 181 -2.54 7.10 -13.66
N GLN A 182 -3.77 7.18 -13.15
CA GLN A 182 -4.13 6.56 -11.88
C GLN A 182 -3.31 7.21 -10.78
N GLY A 183 -3.14 8.53 -10.87
CA GLY A 183 -2.40 9.24 -9.86
C GLY A 183 -1.00 9.63 -10.26
N TYR A 184 -0.42 8.93 -11.22
CA TYR A 184 0.95 9.25 -11.64
C TYR A 184 1.06 9.99 -12.97
N ILE A 185 2.24 10.54 -13.23
CA ILE A 185 2.51 11.27 -14.47
C ILE A 185 3.93 10.97 -14.96
N ARG A 186 4.06 10.56 -16.21
CA ARG A 186 5.38 10.26 -16.75
C ARG A 186 5.94 11.52 -17.41
N MET A 187 6.93 12.11 -16.74
CA MET A 187 7.55 13.34 -17.23
C MET A 187 8.85 13.09 -17.98
N LYS A 188 8.88 13.52 -19.23
CA LYS A 188 10.05 13.36 -20.08
C LYS A 188 11.31 13.85 -19.36
N ARG A 189 12.45 13.26 -19.70
CA ARG A 189 13.73 13.64 -19.12
C ARG A 189 14.41 14.49 -20.17
N VAL A 190 14.61 15.77 -19.87
CA VAL A 190 15.23 16.68 -20.84
C VAL A 190 16.54 17.32 -20.38
N GLY A 191 17.13 16.82 -19.31
CA GLY A 191 18.37 17.42 -18.83
C GLY A 191 18.22 18.86 -18.38
N GLY A 192 19.33 19.52 -18.08
CA GLY A 192 19.25 20.89 -17.62
C GLY A 192 18.54 20.82 -16.29
N CYS A 193 17.65 21.76 -16.01
CA CYS A 193 16.92 21.72 -14.73
C CYS A 193 15.70 20.83 -14.84
N GLY A 194 15.57 20.18 -15.99
CA GLY A 194 14.47 19.27 -16.22
C GLY A 194 13.13 19.91 -16.50
N LEU A 195 12.24 19.10 -17.06
CA LEU A 195 10.89 19.52 -17.39
C LEU A 195 10.25 20.12 -16.14
N CYS A 196 9.55 21.23 -16.31
CA CYS A 196 8.90 21.91 -15.19
C CYS A 196 9.87 22.14 -14.03
N GLY A 197 11.18 22.09 -14.31
CA GLY A 197 12.15 22.30 -13.26
C GLY A 197 12.26 21.15 -12.27
N ILE A 198 11.76 19.98 -12.66
CA ILE A 198 11.78 18.80 -11.80
C ILE A 198 13.14 18.47 -11.18
N ALA A 199 14.24 18.89 -11.79
CA ALA A 199 15.55 18.58 -11.25
C ALA A 199 16.14 19.74 -10.44
N ARG A 200 15.34 20.74 -10.13
CA ARG A 200 15.86 21.86 -9.38
C ARG A 200 16.15 21.61 -7.89
N LEU A 201 15.20 21.01 -7.18
CA LEU A 201 15.38 20.82 -5.75
C LEU A 201 14.95 19.42 -5.27
N PRO A 202 15.77 18.39 -5.52
CA PRO A 202 15.49 17.01 -5.12
C PRO A 202 16.09 16.66 -3.76
N TYR A 203 15.47 15.69 -3.08
CA TYR A 203 15.94 15.24 -1.76
C TYR A 203 15.42 13.85 -1.46
N TYR A 204 16.07 13.19 -0.52
CA TYR A 204 15.64 11.87 -0.09
C TYR A 204 16.06 11.67 1.35
N PRO A 205 15.20 11.04 2.16
CA PRO A 205 15.54 10.80 3.55
C PRO A 205 16.58 9.71 3.61
N THR A 206 17.24 9.56 4.75
CA THR A 206 18.23 8.51 4.94
C THR A 206 17.91 7.77 6.23
N LYS A 207 18.20 6.48 6.23
CA LYS A 207 17.94 5.63 7.38
C LYS A 207 19.09 4.64 7.37
N ALA A 208 19.89 4.65 8.43
CA ALA A 208 21.06 3.78 8.55
C ALA A 208 20.72 2.34 8.89
N LEU B 1 7.25 -22.50 -12.11
CA LEU B 1 7.01 -22.64 -10.64
C LEU B 1 8.28 -22.27 -9.88
N PRO B 2 8.42 -21.00 -9.51
CA PRO B 2 9.58 -20.50 -8.78
C PRO B 2 9.70 -21.21 -7.44
N GLU B 3 10.89 -21.21 -6.86
CA GLU B 3 11.07 -21.83 -5.56
C GLU B 3 10.66 -20.83 -4.48
N GLN B 4 10.76 -19.54 -4.78
CA GLN B 4 10.38 -18.50 -3.83
C GLN B 4 9.56 -17.41 -4.49
N ILE B 5 8.57 -16.90 -3.75
CA ILE B 5 7.75 -15.80 -4.21
C ILE B 5 7.15 -15.10 -3.01
N ASP B 6 7.05 -13.77 -3.10
CA ASP B 6 6.51 -12.92 -2.04
C ASP B 6 5.88 -11.74 -2.75
N TRP B 7 4.57 -11.79 -2.95
CA TRP B 7 3.87 -10.71 -3.65
C TRP B 7 4.02 -9.30 -3.09
N ARG B 8 4.53 -9.19 -1.86
CA ARG B 8 4.76 -7.88 -1.26
C ARG B 8 5.92 -7.23 -1.97
N LYS B 9 6.87 -8.05 -2.39
CA LYS B 9 8.06 -7.57 -3.09
C LYS B 9 7.77 -7.21 -4.55
N LYS B 10 6.53 -7.41 -4.99
CA LYS B 10 6.18 -7.09 -6.37
C LYS B 10 5.09 -6.02 -6.46
N GLY B 11 4.83 -5.36 -5.33
CA GLY B 11 3.85 -4.29 -5.27
C GLY B 11 2.38 -4.66 -5.44
N ALA B 12 2.02 -5.88 -5.10
CA ALA B 12 0.65 -6.33 -5.24
C ALA B 12 -0.11 -6.48 -3.92
N VAL B 13 0.47 -5.98 -2.84
CA VAL B 13 -0.18 -6.07 -1.53
C VAL B 13 -0.18 -4.76 -0.74
N THR B 14 -1.37 -4.33 -0.33
CA THR B 14 -1.54 -3.11 0.44
C THR B 14 -1.03 -3.35 1.86
N PRO B 15 -0.76 -2.27 2.62
CA PRO B 15 -0.27 -2.45 3.99
C PRO B 15 -1.27 -3.22 4.85
N VAL B 16 -0.77 -3.80 5.94
CA VAL B 16 -1.58 -4.58 6.89
C VAL B 16 -2.78 -3.80 7.43
N LYS B 17 -3.92 -4.49 7.56
CA LYS B 17 -5.14 -3.88 8.10
C LYS B 17 -5.53 -4.56 9.41
N ASN B 18 -6.41 -3.91 10.17
CA ASN B 18 -6.82 -4.45 11.47
C ASN B 18 -8.34 -4.51 11.59
N GLN B 19 -8.89 -5.71 11.50
CA GLN B 19 -10.32 -5.95 11.57
C GLN B 19 -11.00 -5.53 12.89
N GLY B 20 -10.19 -5.16 13.87
CA GLY B 20 -10.75 -4.75 15.16
C GLY B 20 -11.57 -5.83 15.83
N LYS B 21 -12.54 -5.43 16.65
CA LYS B 21 -13.40 -6.37 17.37
C LYS B 21 -14.63 -6.75 16.56
N CYS B 22 -14.41 -7.24 15.36
CA CYS B 22 -15.51 -7.62 14.50
C CYS B 22 -15.10 -8.81 13.65
N GLY B 23 -15.80 -9.94 13.81
CA GLY B 23 -15.48 -11.13 13.05
C GLY B 23 -15.73 -10.91 11.57
N SER B 24 -14.81 -10.21 10.92
CA SER B 24 -14.92 -9.91 9.51
C SER B 24 -13.76 -10.47 8.70
N CYS B 25 -13.11 -11.52 9.19
CA CYS B 25 -11.97 -12.06 8.47
C CYS B 25 -12.37 -12.44 7.07
N TRP B 26 -13.54 -13.05 6.92
CA TRP B 26 -14.01 -13.46 5.60
C TRP B 26 -13.93 -12.29 4.63
N ALA B 27 -14.12 -11.08 5.15
CA ALA B 27 -14.06 -9.89 4.31
C ALA B 27 -12.65 -9.39 4.05
N PHE B 28 -11.81 -9.33 5.10
CA PHE B 28 -10.45 -8.85 4.90
C PHE B 28 -9.61 -9.79 4.05
N SER B 29 -9.89 -11.08 4.13
CA SER B 29 -9.17 -12.07 3.35
C SER B 29 -9.41 -11.83 1.87
N THR B 30 -10.61 -12.21 1.44
CA THR B 30 -11.02 -12.07 0.05
C THR B 30 -10.74 -10.68 -0.53
N VAL B 31 -11.04 -9.63 0.24
CA VAL B 31 -10.83 -8.28 -0.25
C VAL B 31 -9.38 -8.08 -0.61
N SER B 32 -8.49 -8.58 0.25
CA SER B 32 -7.07 -8.46 0.00
C SER B 32 -6.69 -9.16 -1.32
N THR B 33 -7.23 -10.36 -1.54
CA THR B 33 -6.92 -11.08 -2.77
C THR B 33 -7.49 -10.36 -3.97
N VAL B 34 -8.48 -9.51 -3.73
CA VAL B 34 -9.08 -8.76 -4.81
C VAL B 34 -8.18 -7.56 -5.13
N GLU B 35 -7.66 -6.92 -4.09
CA GLU B 35 -6.78 -5.79 -4.30
C GLU B 35 -5.60 -6.31 -5.11
N SER B 36 -5.06 -7.43 -4.64
CA SER B 36 -3.89 -8.05 -5.25
C SER B 36 -4.06 -8.45 -6.72
N ILE B 37 -5.10 -9.19 -7.05
CA ILE B 37 -5.29 -9.60 -8.43
C ILE B 37 -5.49 -8.36 -9.28
N ASN B 38 -6.11 -7.32 -8.72
CA ASN B 38 -6.33 -6.10 -9.49
C ASN B 38 -5.03 -5.41 -9.81
N GLN B 39 -4.14 -5.33 -8.81
CA GLN B 39 -2.85 -4.68 -9.02
C GLN B 39 -2.05 -5.50 -10.00
N ILE B 40 -2.09 -6.81 -9.85
CA ILE B 40 -1.35 -7.69 -10.75
C ILE B 40 -1.75 -7.45 -12.20
N ARG B 41 -3.06 -7.35 -12.44
CA ARG B 41 -3.60 -7.16 -13.79
C ARG B 41 -3.65 -5.74 -14.36
N THR B 42 -3.68 -4.73 -13.50
CA THR B 42 -3.79 -3.36 -13.98
C THR B 42 -2.58 -2.51 -13.67
N GLY B 43 -1.74 -2.99 -12.76
CA GLY B 43 -0.57 -2.24 -12.35
C GLY B 43 -0.99 -1.19 -11.35
N ASN B 44 -2.25 -1.24 -10.90
CA ASN B 44 -2.77 -0.27 -9.94
C ASN B 44 -3.08 -0.91 -8.59
N LEU B 45 -2.41 -0.44 -7.54
CA LEU B 45 -2.62 -0.95 -6.18
C LEU B 45 -3.66 -0.08 -5.47
N ILE B 46 -4.80 -0.67 -5.16
CA ILE B 46 -5.86 0.08 -4.51
C ILE B 46 -6.31 -0.59 -3.22
N SER B 47 -6.52 0.21 -2.18
CA SER B 47 -7.00 -0.33 -0.91
C SER B 47 -8.51 -0.34 -1.05
N LEU B 48 -9.11 -1.51 -0.91
CA LEU B 48 -10.55 -1.64 -1.08
C LEU B 48 -11.34 -1.72 0.22
N SER B 49 -12.67 -1.59 0.12
CA SER B 49 -13.55 -1.60 1.30
C SER B 49 -14.08 -2.94 1.83
N GLU B 50 -13.66 -3.30 3.05
CA GLU B 50 -14.15 -4.54 3.64
C GLU B 50 -15.54 -4.23 4.18
N GLN B 51 -15.71 -3.01 4.67
CA GLN B 51 -16.98 -2.58 5.24
C GLN B 51 -18.12 -2.78 4.24
N GLN B 52 -17.86 -2.54 2.96
CA GLN B 52 -18.92 -2.71 1.97
C GLN B 52 -19.48 -4.13 2.07
N LEU B 53 -18.62 -5.14 1.96
CA LEU B 53 -19.08 -6.51 2.04
C LEU B 53 -19.84 -6.71 3.35
N VAL B 54 -19.29 -6.22 4.45
CA VAL B 54 -19.93 -6.37 5.75
C VAL B 54 -21.38 -5.90 5.72
N ASP B 55 -21.60 -4.73 5.14
CA ASP B 55 -22.93 -4.14 5.04
C ASP B 55 -23.81 -4.70 3.94
N CYS B 56 -23.23 -4.94 2.77
CA CYS B 56 -23.99 -5.40 1.62
C CYS B 56 -23.98 -6.88 1.28
N ASN B 57 -22.93 -7.58 1.65
CA ASN B 57 -22.82 -9.02 1.36
C ASN B 57 -23.80 -9.79 2.26
N LYS B 58 -25.08 -9.67 1.93
CA LYS B 58 -26.18 -10.27 2.67
C LYS B 58 -26.16 -11.76 2.96
N LYS B 59 -25.49 -12.56 2.12
CA LYS B 59 -25.42 -14.00 2.33
C LYS B 59 -24.42 -14.37 3.42
N ASN B 60 -23.62 -13.38 3.84
CA ASN B 60 -22.67 -13.58 4.92
C ASN B 60 -23.25 -12.88 6.13
N HIS B 61 -22.62 -12.98 7.29
CA HIS B 61 -23.19 -12.38 8.49
C HIS B 61 -22.37 -11.28 9.17
N GLY B 62 -22.12 -10.20 8.43
CA GLY B 62 -21.37 -9.09 8.97
C GLY B 62 -20.28 -9.48 9.96
N CYS B 63 -20.31 -8.88 11.15
CA CYS B 63 -19.31 -9.15 12.19
C CYS B 63 -19.43 -10.51 12.84
N LYS B 64 -20.41 -11.29 12.42
CA LYS B 64 -20.59 -12.63 12.97
C LYS B 64 -20.14 -13.72 12.02
N GLY B 65 -19.17 -13.40 11.16
CA GLY B 65 -18.65 -14.40 10.26
C GLY B 65 -19.17 -14.43 8.83
N GLY B 66 -18.52 -15.25 8.01
CA GLY B 66 -18.92 -15.36 6.62
C GLY B 66 -18.13 -16.43 5.89
N ALA B 67 -18.32 -16.49 4.57
CA ALA B 67 -17.63 -17.49 3.76
C ALA B 67 -16.99 -16.89 2.51
N PHE B 68 -15.82 -17.40 2.15
CA PHE B 68 -15.09 -16.92 0.98
C PHE B 68 -15.98 -16.90 -0.27
N VAL B 69 -16.60 -18.03 -0.60
CA VAL B 69 -17.44 -18.15 -1.80
C VAL B 69 -18.44 -17.00 -1.97
N TYR B 70 -19.23 -16.78 -0.92
CA TYR B 70 -20.25 -15.73 -0.83
C TYR B 70 -19.70 -14.35 -1.06
N ALA B 71 -18.53 -14.15 -0.48
CA ALA B 71 -17.83 -12.88 -0.52
C ALA B 71 -17.41 -12.57 -1.95
N TYR B 72 -16.84 -13.57 -2.63
CA TYR B 72 -16.40 -13.38 -4.00
C TYR B 72 -17.65 -13.19 -4.86
N GLN B 73 -18.65 -14.04 -4.65
CA GLN B 73 -19.85 -13.94 -5.44
C GLN B 73 -20.56 -12.60 -5.28
N TYR B 74 -20.50 -12.01 -4.09
CA TYR B 74 -21.14 -10.72 -3.88
C TYR B 74 -20.51 -9.68 -4.80
N ILE B 75 -19.19 -9.60 -4.75
CA ILE B 75 -18.44 -8.64 -5.57
C ILE B 75 -18.70 -8.83 -7.07
N ILE B 76 -18.66 -10.08 -7.52
CA ILE B 76 -18.92 -10.37 -8.92
C ILE B 76 -20.34 -9.92 -9.30
N ASP B 77 -21.33 -10.42 -8.57
CA ASP B 77 -22.73 -10.09 -8.83
C ASP B 77 -22.99 -8.60 -8.79
N ASN B 78 -22.39 -7.91 -7.82
CA ASN B 78 -22.58 -6.49 -7.67
C ASN B 78 -21.89 -5.71 -8.79
N GLY B 79 -21.04 -6.39 -9.54
CA GLY B 79 -20.34 -5.74 -10.63
C GLY B 79 -19.18 -4.88 -10.17
N GLY B 80 -18.68 -5.14 -8.96
CA GLY B 80 -17.55 -4.35 -8.49
C GLY B 80 -17.52 -4.02 -7.01
N ILE B 81 -16.41 -3.44 -6.58
CA ILE B 81 -16.25 -3.05 -5.19
C ILE B 81 -15.62 -1.66 -5.06
N ASP B 82 -15.87 -1.01 -3.92
CA ASP B 82 -15.38 0.34 -3.66
C ASP B 82 -14.07 0.37 -2.86
N THR B 83 -13.44 1.53 -2.81
CA THR B 83 -12.17 1.72 -2.08
C THR B 83 -12.38 1.87 -0.58
N GLU B 84 -11.29 1.75 0.17
CA GLU B 84 -11.30 1.87 1.62
C GLU B 84 -11.63 3.31 2.03
N ALA B 85 -11.10 4.27 1.27
CA ALA B 85 -11.35 5.69 1.54
C ALA B 85 -12.81 6.09 1.35
N ASN B 86 -13.41 5.66 0.23
CA ASN B 86 -14.79 6.01 -0.08
C ASN B 86 -15.84 5.32 0.81
N TYR B 87 -15.51 4.15 1.36
CA TYR B 87 -16.42 3.39 2.22
C TYR B 87 -15.57 2.85 3.38
N PRO B 88 -15.22 3.72 4.35
CA PRO B 88 -14.40 3.37 5.50
C PRO B 88 -14.89 2.19 6.34
N TYR B 89 -13.97 1.61 7.09
CA TYR B 89 -14.27 0.49 7.96
C TYR B 89 -14.64 1.03 9.34
N LYS B 90 -15.72 0.51 9.92
CA LYS B 90 -16.21 0.93 11.23
C LYS B 90 -16.11 -0.21 12.25
N ALA B 91 -15.94 -1.44 11.76
CA ALA B 91 -15.86 -2.61 12.63
C ALA B 91 -17.18 -2.76 13.38
N VAL B 92 -18.26 -2.62 12.62
CA VAL B 92 -19.63 -2.76 13.10
C VAL B 92 -20.49 -2.64 11.85
N GLN B 93 -21.38 -3.60 11.67
CA GLN B 93 -22.25 -3.60 10.50
C GLN B 93 -23.13 -2.36 10.48
N GLY B 94 -23.46 -1.90 9.29
CA GLY B 94 -24.32 -0.75 9.14
C GLY B 94 -25.21 -0.91 7.92
N PRO B 95 -26.22 -0.06 7.76
CA PRO B 95 -27.04 -0.26 6.56
C PRO B 95 -26.14 -0.19 5.33
N CYS B 96 -26.45 -0.98 4.31
CA CYS B 96 -25.64 -1.01 3.10
C CYS B 96 -25.80 0.26 2.26
N ARG B 97 -24.76 1.09 2.23
CA ARG B 97 -24.78 2.33 1.46
C ARG B 97 -24.46 2.13 -0.01
N ALA B 98 -24.74 3.15 -0.80
CA ALA B 98 -24.46 3.12 -2.23
C ALA B 98 -22.94 3.17 -2.32
N ALA B 99 -22.36 2.56 -3.37
CA ALA B 99 -20.91 2.55 -3.52
C ALA B 99 -20.43 2.46 -4.97
N LYS B 100 -19.35 3.20 -5.26
CA LYS B 100 -18.78 3.19 -6.60
C LYS B 100 -18.10 1.85 -6.86
N LYS B 101 -18.17 1.38 -8.10
CA LYS B 101 -17.57 0.11 -8.49
C LYS B 101 -16.19 0.41 -9.05
N VAL B 102 -15.21 0.59 -8.17
CA VAL B 102 -13.86 0.92 -8.59
C VAL B 102 -13.06 -0.25 -9.18
N VAL B 103 -13.21 -1.43 -8.59
CA VAL B 103 -12.52 -2.63 -9.05
C VAL B 103 -13.51 -3.75 -9.31
N ARG B 104 -13.31 -4.46 -10.42
CA ARG B 104 -14.16 -5.57 -10.85
C ARG B 104 -13.42 -6.91 -10.95
N ILE B 105 -14.14 -8.01 -10.72
CA ILE B 105 -13.53 -9.33 -10.90
C ILE B 105 -14.55 -10.25 -11.61
N ASP B 106 -14.04 -11.22 -12.35
CA ASP B 106 -14.88 -12.13 -13.13
C ASP B 106 -15.27 -13.43 -12.47
N GLY B 107 -14.49 -13.87 -11.50
CA GLY B 107 -14.82 -15.12 -10.86
C GLY B 107 -13.86 -15.52 -9.76
N TYR B 108 -13.86 -16.80 -9.43
CA TYR B 108 -12.98 -17.31 -8.41
C TYR B 108 -12.93 -18.80 -8.60
N LYS B 109 -11.83 -19.41 -8.17
CA LYS B 109 -11.69 -20.83 -8.32
C LYS B 109 -11.03 -21.38 -7.07
N GLY B 110 -11.43 -22.59 -6.68
CA GLY B 110 -10.90 -23.21 -5.50
C GLY B 110 -9.68 -24.05 -5.82
N VAL B 111 -8.86 -24.27 -4.81
CA VAL B 111 -7.66 -25.07 -4.96
C VAL B 111 -8.01 -26.44 -4.43
N PRO B 112 -7.57 -27.50 -5.11
CA PRO B 112 -7.89 -28.83 -4.60
C PRO B 112 -7.61 -28.87 -3.10
N HIS B 113 -8.50 -29.46 -2.33
CA HIS B 113 -8.30 -29.52 -0.90
C HIS B 113 -7.11 -30.36 -0.48
N CYS B 114 -6.47 -29.93 0.60
CA CYS B 114 -5.34 -30.62 1.18
C CYS B 114 -4.31 -31.08 0.16
N ASN B 115 -3.92 -30.13 -0.70
CA ASN B 115 -2.91 -30.36 -1.72
C ASN B 115 -2.00 -29.14 -1.74
N GLU B 116 -1.02 -29.10 -0.83
CA GLU B 116 -0.11 -27.95 -0.76
C GLU B 116 0.69 -27.72 -2.03
N ASN B 117 0.79 -28.74 -2.87
CA ASN B 117 1.52 -28.60 -4.11
C ASN B 117 0.63 -27.78 -5.04
N ALA B 118 -0.66 -28.11 -5.04
CA ALA B 118 -1.64 -27.42 -5.85
C ALA B 118 -1.76 -25.97 -5.39
N LEU B 119 -1.52 -25.76 -4.09
CA LEU B 119 -1.62 -24.43 -3.50
C LEU B 119 -0.41 -23.57 -3.88
N LYS B 120 0.77 -24.18 -3.92
CA LYS B 120 1.99 -23.49 -4.28
C LYS B 120 1.83 -22.94 -5.69
N LYS B 121 1.17 -23.71 -6.55
CA LYS B 121 0.95 -23.29 -7.93
C LYS B 121 0.00 -22.08 -7.96
N ALA B 122 -1.04 -22.14 -7.12
CA ALA B 122 -2.03 -21.07 -7.06
C ALA B 122 -1.39 -19.78 -6.58
N VAL B 123 -0.69 -19.88 -5.46
CA VAL B 123 -0.04 -18.72 -4.89
C VAL B 123 0.99 -18.16 -5.84
N ALA B 124 1.58 -19.03 -6.64
CA ALA B 124 2.58 -18.60 -7.60
C ALA B 124 1.97 -17.61 -8.59
N SER B 125 0.65 -17.69 -8.79
CA SER B 125 -0.07 -16.81 -9.71
C SER B 125 -0.59 -15.55 -9.04
N GLN B 126 -1.15 -15.70 -7.84
CA GLN B 126 -1.68 -14.56 -7.11
C GLN B 126 -2.03 -14.95 -5.68
N PRO B 127 -1.99 -13.98 -4.77
CA PRO B 127 -2.33 -14.21 -3.36
C PRO B 127 -3.67 -14.95 -3.27
N SER B 128 -3.74 -15.97 -2.41
CA SER B 128 -4.97 -16.76 -2.24
C SER B 128 -5.49 -16.86 -0.81
N VAL B 129 -6.81 -16.91 -0.65
CA VAL B 129 -7.40 -17.02 0.68
C VAL B 129 -7.41 -18.47 1.18
N VAL B 130 -7.13 -18.64 2.47
CA VAL B 130 -7.11 -19.96 3.08
C VAL B 130 -7.77 -19.86 4.44
N ALA B 131 -8.30 -20.98 4.93
CA ALA B 131 -8.95 -21.02 6.24
C ALA B 131 -8.06 -21.75 7.23
N ILE B 132 -7.84 -21.17 8.41
CA ILE B 132 -7.01 -21.86 9.39
C ILE B 132 -7.67 -21.93 10.75
N ASP B 133 -7.12 -22.78 11.60
CA ASP B 133 -7.61 -22.91 12.96
C ASP B 133 -6.69 -21.96 13.71
N ALA B 134 -7.24 -20.83 14.12
CA ALA B 134 -6.46 -19.84 14.84
C ALA B 134 -6.90 -19.71 16.29
N SER B 135 -7.36 -20.81 16.87
CA SER B 135 -7.83 -20.82 18.26
C SER B 135 -6.80 -21.22 19.33
N SER B 136 -5.63 -21.70 18.92
CA SER B 136 -4.62 -22.10 19.89
C SER B 136 -3.93 -20.87 20.46
N LYS B 137 -3.60 -20.91 21.74
CA LYS B 137 -2.96 -19.77 22.37
C LYS B 137 -1.64 -19.45 21.68
N GLN B 138 -0.91 -20.50 21.28
CA GLN B 138 0.36 -20.29 20.63
C GLN B 138 0.22 -19.44 19.37
N PHE B 139 -0.81 -19.72 18.58
CA PHE B 139 -1.04 -18.98 17.34
C PHE B 139 -1.41 -17.53 17.63
N GLN B 140 -2.36 -17.34 18.54
CA GLN B 140 -2.79 -16.00 18.87
C GLN B 140 -1.72 -15.13 19.50
N HIS B 141 -0.74 -15.76 20.11
CA HIS B 141 0.33 -15.00 20.74
C HIS B 141 1.62 -15.05 19.96
N TYR B 142 1.52 -15.44 18.69
CA TYR B 142 2.69 -15.53 17.82
C TYR B 142 3.37 -14.17 17.67
N LYS B 143 4.69 -14.18 17.62
CA LYS B 143 5.44 -12.94 17.47
C LYS B 143 6.49 -13.01 16.36
N SER B 144 7.14 -14.15 16.21
CA SER B 144 8.15 -14.28 15.17
C SER B 144 8.58 -15.72 14.92
N GLY B 145 9.36 -15.90 13.85
CA GLY B 145 9.84 -17.22 13.51
C GLY B 145 8.87 -18.02 12.66
N ILE B 146 9.33 -19.18 12.21
CA ILE B 146 8.51 -20.03 11.39
C ILE B 146 7.63 -20.90 12.28
N PHE B 147 6.37 -20.51 12.39
CA PHE B 147 5.41 -21.25 13.20
C PHE B 147 5.29 -22.69 12.69
N SER B 148 5.25 -23.64 13.61
CA SER B 148 5.15 -25.04 13.23
C SER B 148 4.12 -25.78 14.10
N GLY B 149 3.34 -25.02 14.85
CA GLY B 149 2.31 -25.58 15.71
C GLY B 149 2.49 -25.12 17.15
N PRO B 150 1.62 -25.59 18.06
CA PRO B 150 0.53 -26.51 17.75
C PRO B 150 -0.73 -25.75 17.35
N CYS B 151 -1.65 -26.45 16.69
CA CYS B 151 -2.90 -25.87 16.24
C CYS B 151 -3.70 -26.98 15.58
N GLY B 152 -5.00 -27.00 15.85
CA GLY B 152 -5.85 -28.03 15.27
C GLY B 152 -6.22 -27.68 13.85
N THR B 153 -7.21 -28.36 13.28
CA THR B 153 -7.62 -28.09 11.91
C THR B 153 -9.06 -27.62 11.78
N LYS B 154 -9.60 -27.07 12.86
CA LYS B 154 -10.96 -26.55 12.87
C LYS B 154 -10.95 -25.20 12.18
N LEU B 155 -11.55 -25.12 11.01
CA LEU B 155 -11.58 -23.87 10.28
C LEU B 155 -12.38 -22.80 11.00
N ASN B 156 -11.71 -21.74 11.43
CA ASN B 156 -12.38 -20.65 12.12
C ASN B 156 -11.79 -19.27 11.80
N HIS B 157 -10.72 -19.22 11.02
CA HIS B 157 -10.12 -17.94 10.69
C HIS B 157 -9.59 -17.83 9.26
N GLY B 158 -10.01 -16.78 8.56
CA GLY B 158 -9.59 -16.59 7.19
C GLY B 158 -8.45 -15.60 7.04
N VAL B 159 -7.40 -16.03 6.33
CA VAL B 159 -6.21 -15.21 6.07
C VAL B 159 -5.83 -15.31 4.60
N VAL B 160 -4.68 -14.72 4.24
CA VAL B 160 -4.23 -14.76 2.86
C VAL B 160 -2.78 -15.23 2.73
N ILE B 161 -2.52 -16.10 1.77
CA ILE B 161 -1.14 -16.55 1.55
C ILE B 161 -0.64 -15.57 0.47
N VAL B 162 0.41 -14.82 0.78
CA VAL B 162 0.93 -13.85 -0.18
C VAL B 162 2.25 -14.32 -0.80
N GLY B 163 2.67 -15.52 -0.44
CA GLY B 163 3.90 -16.04 -0.97
C GLY B 163 4.36 -17.26 -0.22
N TYR B 164 5.50 -17.80 -0.61
CA TYR B 164 6.08 -18.97 0.03
C TYR B 164 7.58 -18.92 -0.16
N TRP B 165 8.33 -19.37 0.83
CA TRP B 165 9.77 -19.32 0.72
C TRP B 165 10.38 -20.71 0.86
N LYS B 166 11.30 -20.85 1.79
CA LYS B 166 12.00 -22.10 2.04
C LYS B 166 11.05 -23.27 2.28
N ASP B 167 10.57 -23.34 3.52
CA ASP B 167 9.66 -24.41 3.93
C ASP B 167 8.44 -23.85 4.62
N TYR B 168 8.02 -22.65 4.22
CA TYR B 168 6.84 -22.04 4.83
C TYR B 168 6.04 -21.20 3.86
N TRP B 169 4.85 -20.82 4.31
CA TRP B 169 3.94 -19.98 3.54
C TRP B 169 4.07 -18.60 4.17
N ILE B 170 3.87 -17.54 3.38
CA ILE B 170 3.93 -16.19 3.92
C ILE B 170 2.45 -15.81 4.09
N VAL B 171 1.99 -15.78 5.34
CA VAL B 171 0.59 -15.50 5.62
C VAL B 171 0.30 -14.11 6.17
N ARG B 172 -0.68 -13.44 5.57
CA ARG B 172 -1.11 -12.09 5.96
C ARG B 172 -2.35 -12.15 6.82
N ASN B 173 -2.26 -11.66 8.04
CA ASN B 173 -3.41 -11.68 8.95
C ASN B 173 -4.07 -10.32 8.90
N SER B 174 -5.17 -10.17 9.65
CA SER B 174 -5.90 -8.91 9.68
C SER B 174 -6.01 -8.38 11.11
N TRP B 175 -4.98 -8.64 11.91
CA TRP B 175 -4.97 -8.20 13.29
C TRP B 175 -3.97 -7.10 13.57
N GLY B 176 -3.78 -6.18 12.63
CA GLY B 176 -2.83 -5.10 12.84
C GLY B 176 -1.36 -5.53 12.73
N ARG B 177 -0.47 -4.56 12.86
CA ARG B 177 0.96 -4.81 12.77
C ARG B 177 1.58 -5.29 14.07
N TYR B 178 0.87 -5.13 15.18
CA TYR B 178 1.41 -5.53 16.48
C TYR B 178 1.20 -6.99 16.84
N TRP B 179 0.80 -7.78 15.85
CA TRP B 179 0.62 -9.20 16.02
C TRP B 179 1.62 -9.83 15.06
N GLY B 180 2.26 -10.92 15.47
CA GLY B 180 3.24 -11.60 14.64
C GLY B 180 4.34 -10.70 14.09
N GLU B 181 4.77 -11.00 12.86
CA GLU B 181 5.83 -10.24 12.22
C GLU B 181 5.28 -9.10 11.39
N GLN B 182 4.99 -8.01 12.07
CA GLN B 182 4.44 -6.83 11.42
C GLN B 182 3.13 -7.16 10.71
N GLY B 183 2.33 -8.02 11.33
CA GLY B 183 1.07 -8.41 10.73
C GLY B 183 1.09 -9.76 10.06
N TYR B 184 2.28 -10.30 9.80
CA TYR B 184 2.37 -11.60 9.14
C TYR B 184 2.92 -12.71 9.99
N ILE B 185 2.56 -13.94 9.62
CA ILE B 185 3.08 -15.13 10.30
C ILE B 185 3.57 -16.05 9.20
N ARG B 186 4.76 -16.63 9.40
CA ARG B 186 5.31 -17.56 8.42
C ARG B 186 4.93 -18.95 8.89
N MET B 187 4.22 -19.69 8.05
CA MET B 187 3.79 -21.02 8.46
C MET B 187 4.46 -22.16 7.72
N LYS B 188 5.03 -23.07 8.49
CA LYS B 188 5.75 -24.19 7.91
C LYS B 188 4.88 -25.05 6.99
N ARG B 189 5.46 -25.41 5.85
CA ARG B 189 4.79 -26.25 4.87
C ARG B 189 4.99 -27.70 5.29
N VAL B 190 3.91 -28.38 5.67
CA VAL B 190 4.03 -29.76 6.13
C VAL B 190 3.28 -30.82 5.32
N GLY B 191 2.53 -30.39 4.31
CA GLY B 191 1.80 -31.36 3.51
C GLY B 191 0.52 -31.78 4.19
N GLY B 192 -0.15 -32.80 3.64
CA GLY B 192 -1.40 -33.23 4.22
C GLY B 192 -2.37 -32.09 4.04
N CYS B 193 -3.14 -31.78 5.06
CA CYS B 193 -4.08 -30.66 4.96
C CYS B 193 -3.42 -29.38 5.46
N GLY B 194 -2.09 -29.44 5.58
CA GLY B 194 -1.35 -28.29 6.02
C GLY B 194 -1.45 -28.03 7.50
N LEU B 195 -0.59 -27.13 7.98
CA LEU B 195 -0.53 -26.75 9.38
C LEU B 195 -1.75 -25.90 9.72
N CYS B 196 -2.38 -26.20 10.85
CA CYS B 196 -3.57 -25.50 11.27
C CYS B 196 -4.61 -25.68 10.16
N GLY B 197 -4.41 -26.69 9.32
CA GLY B 197 -5.32 -26.96 8.23
C GLY B 197 -5.36 -25.91 7.15
N ILE B 198 -4.30 -25.12 7.05
CA ILE B 198 -4.22 -24.06 6.05
C ILE B 198 -4.46 -24.47 4.60
N ALA B 199 -4.30 -25.76 4.29
CA ALA B 199 -4.49 -26.23 2.93
C ALA B 199 -5.89 -26.82 2.72
N ARG B 200 -6.73 -26.74 3.75
CA ARG B 200 -8.07 -27.29 3.64
C ARG B 200 -9.01 -26.61 2.64
N LEU B 201 -9.10 -25.28 2.66
CA LEU B 201 -10.04 -24.59 1.77
C LEU B 201 -9.54 -23.32 1.08
N PRO B 202 -8.54 -23.44 0.18
CA PRO B 202 -8.05 -22.23 -0.48
C PRO B 202 -8.82 -21.85 -1.73
N TYR B 203 -8.94 -20.54 -1.96
CA TYR B 203 -9.60 -19.97 -3.12
C TYR B 203 -8.81 -18.75 -3.56
N TYR B 204 -9.09 -18.28 -4.76
CA TYR B 204 -8.44 -17.09 -5.28
C TYR B 204 -9.31 -16.53 -6.39
N PRO B 205 -9.38 -15.20 -6.53
CA PRO B 205 -10.22 -14.66 -7.58
C PRO B 205 -9.57 -14.71 -8.95
N THR B 206 -10.39 -14.43 -9.97
CA THR B 206 -9.94 -14.40 -11.34
C THR B 206 -10.45 -13.08 -11.95
N LYS B 207 -9.68 -12.54 -12.89
CA LYS B 207 -9.99 -11.28 -13.56
C LYS B 207 -9.36 -11.33 -14.95
N ALA B 208 -10.09 -10.90 -15.97
CA ALA B 208 -9.61 -10.92 -17.34
C ALA B 208 -8.46 -9.93 -17.58
S SO4 C . 23.06 19.04 -18.62
O1 SO4 C . 22.36 17.82 -18.18
O2 SO4 C . 23.52 18.88 -20.01
O3 SO4 C . 24.21 19.29 -17.74
O4 SO4 C . 22.15 20.20 -18.55
S SO4 D . -6.77 25.82 7.02
O1 SO4 D . -5.69 26.17 6.09
O2 SO4 D . -7.84 25.11 6.28
O3 SO4 D . -7.32 27.05 7.64
O4 SO4 D . -6.22 24.93 8.07
S SO4 E . 9.47 22.14 13.57
O1 SO4 E . 10.08 20.94 14.16
O2 SO4 E . 9.69 22.12 12.11
O3 SO4 E . 10.12 23.34 14.14
O4 SO4 E . 8.02 22.17 13.85
C1 E64 F . 0.42 21.85 -2.82
O1 E64 F . 0.15 21.13 -3.86
O2 E64 F . -0.43 22.09 -1.97
C2 E64 F . 1.81 22.38 -2.67
C3 E64 F . 1.85 23.69 -1.87
O3 E64 F . 0.90 24.75 -1.92
C4 E64 F . 3.23 23.92 -1.30
O4 E64 F . 3.62 23.33 -0.30
N1 E64 F . 3.97 24.80 -1.95
C6 E64 F . 5.42 24.67 -1.94
C7 E64 F . 5.91 24.13 -3.28
C8 E64 F . 7.02 23.07 -3.22
C9 E64 F . 8.37 23.76 -3.21
C10 E64 F . 6.85 22.19 -1.99
C11 E64 F . 6.04 26.01 -1.67
O5 E64 F . 7.24 26.19 -1.86
N2 E64 F . 5.23 26.95 -1.20
C12 E64 F . 5.68 28.12 -0.44
C13 E64 F . 4.96 28.27 0.89
C14 E64 F . 5.64 29.31 1.77
C15 E64 F . 5.09 29.30 3.19
N3 E64 F . 4.74 30.64 3.65
C16 E64 F . 5.59 31.48 4.24
N4 E64 F . 5.50 31.68 5.55
N5 E64 F . 6.53 32.12 3.55
S SO4 G . 0.34 -34.94 0.74
O1 SO4 G . 0.89 -36.29 0.57
O2 SO4 G . -0.26 -34.51 -0.53
O3 SO4 G . 1.42 -34.00 1.11
O4 SO4 G . -0.71 -34.97 1.77
S SO4 H . -25.31 -11.28 -1.55
O1 SO4 H . -24.66 -12.24 -0.62
O2 SO4 H . -24.69 -11.42 -2.88
O3 SO4 H . -25.12 -9.91 -1.03
O4 SO4 H . -26.75 -11.59 -1.64
S SO4 I . 10.08 -5.56 13.23
O1 SO4 I . 9.63 -6.08 11.93
O2 SO4 I . 10.85 -4.33 13.02
O3 SO4 I . 10.93 -6.57 13.89
O4 SO4 I . 8.92 -5.27 14.09
C1 E64 J . -12.39 -13.64 12.10
O1 E64 J . -13.03 -12.51 11.97
O2 E64 J . -11.44 -13.86 12.85
C2 E64 J . -12.91 -14.74 11.21
C3 E64 J . -14.40 -14.97 11.40
O3 E64 J . -14.94 -15.24 12.70
C4 E64 J . -15.02 -15.50 10.12
O4 E64 J . -15.50 -14.74 9.29
N1 E64 J . -14.98 -16.82 9.97
C6 E64 J . -15.94 -17.52 9.15
C7 E64 J . -15.24 -18.25 7.97
C8 E64 J . -13.76 -18.68 7.94
C9 E64 J . -12.86 -17.48 8.04
C10 E64 J . -13.48 -19.65 9.05
C11 E64 J . -16.74 -18.54 9.99
O5 E64 J . -16.29 -18.95 11.06
N2 E64 J . -17.91 -18.92 9.50
C12 E64 J . -18.96 -19.57 10.27
C13 E64 J . -20.35 -19.25 9.76
C14 E64 J . -20.77 -17.82 10.14
C15 E64 J . -22.28 -17.67 10.14
N3 E64 J . -22.79 -17.32 11.46
C16 E64 J . -23.97 -17.75 11.95
N4 E64 J . -24.06 -18.17 13.21
N5 E64 J . -25.05 -17.74 11.17
#